data_9FQF
#
_entry.id   9FQF
#
_cell.length_a   45.963
_cell.length_b   45.963
_cell.length_c   41.891
_cell.angle_alpha   90
_cell.angle_beta   90
_cell.angle_gamma   120
#
_symmetry.space_group_name_H-M   'P 32 2 1'
#
loop_
_entity.id
_entity.type
_entity.pdbx_description
1 polymer 'Antifungal protein'
2 non-polymer 'CHLORIDE ION'
3 water water
#
_entity_poly.entity_id   1
_entity_poly.type   'polypeptide(L)'
_entity_poly.pdbx_seq_one_letter_code
;LSKYGGECSKKHNTCTYRKDGKDHIVKCPSADNKKCKTDRHHCEYDDHHKTVDCQTPV
;
_entity_poly.pdbx_strand_id   A
#
loop_
_chem_comp.id
_chem_comp.type
_chem_comp.name
_chem_comp.formula
CL non-polymer 'CHLORIDE ION' 'Cl -1'
#
# COMPACT_ATOMS: atom_id res chain seq x y z
N LEU A 1 7.52 10.96 -8.51
CA LEU A 1 6.03 10.94 -8.49
C LEU A 1 5.55 11.32 -7.10
N SER A 2 4.23 11.37 -6.97
CA SER A 2 3.54 11.40 -5.69
C SER A 2 3.23 9.99 -5.20
N LYS A 3 3.60 8.94 -5.95
CA LYS A 3 3.26 7.57 -5.61
C LYS A 3 4.50 6.84 -5.17
N TYR A 4 4.33 6.13 -4.07
CA TYR A 4 5.43 5.40 -3.44
C TYR A 4 4.98 3.96 -3.31
N GLY A 5 5.72 3.07 -3.95
CA GLY A 5 5.31 1.71 -4.16
C GLY A 5 5.92 0.74 -3.16
N GLY A 6 5.23 -0.40 -3.05
CA GLY A 6 5.71 -1.48 -2.25
C GLY A 6 4.88 -2.72 -2.47
N GLU A 7 4.81 -3.57 -1.45
CA GLU A 7 4.08 -4.84 -1.52
C GLU A 7 3.24 -4.99 -0.26
N CYS A 8 2.11 -5.69 -0.41
CA CYS A 8 1.18 -5.81 0.70
C CYS A 8 1.27 -7.20 1.34
N SER A 9 0.89 -7.23 2.63
CA SER A 9 0.72 -8.43 3.43
C SER A 9 -0.76 -8.79 3.51
N LYS A 10 -1.12 -9.98 3.01
CA LYS A 10 -2.49 -10.43 3.11
C LYS A 10 -2.88 -10.72 4.55
N LYS A 11 -1.99 -11.34 5.33
CA LYS A 11 -2.30 -11.68 6.71
CA LYS A 11 -2.29 -11.69 6.71
C LYS A 11 -2.54 -10.44 7.56
N HIS A 12 -1.76 -9.38 7.35
CA HIS A 12 -1.83 -8.20 8.18
C HIS A 12 -2.65 -7.07 7.58
N ASN A 13 -2.97 -7.16 6.29
CA ASN A 13 -3.59 -6.10 5.52
C ASN A 13 -2.81 -4.78 5.63
N THR A 14 -1.50 -4.88 5.35
CA THR A 14 -0.58 -3.75 5.35
C THR A 14 0.07 -3.61 3.99
N CYS A 15 0.61 -2.40 3.75
CA CYS A 15 1.44 -2.08 2.61
C CYS A 15 2.77 -1.60 3.15
N THR A 16 3.87 -2.20 2.66
CA THR A 16 5.19 -1.70 3.02
C THR A 16 5.74 -0.99 1.78
N TYR A 17 5.88 0.33 1.84
CA TYR A 17 6.30 1.12 0.69
C TYR A 17 7.61 1.83 0.94
N ARG A 18 8.31 2.17 -0.16
CA ARG A 18 9.59 2.85 -0.09
C ARG A 18 9.39 4.35 -0.30
N LYS A 19 9.94 5.16 0.59
CA LYS A 19 9.89 6.61 0.46
C LYS A 19 11.08 7.20 1.22
N ASP A 20 11.80 8.12 0.61
CA ASP A 20 12.92 8.82 1.23
C ASP A 20 13.98 7.88 1.78
N GLY A 21 14.22 6.76 1.06
CA GLY A 21 15.26 5.81 1.40
C GLY A 21 14.84 4.80 2.47
N LYS A 22 13.60 4.88 2.97
CA LYS A 22 13.15 4.06 4.07
C LYS A 22 11.90 3.31 3.65
N ASP A 23 11.65 2.18 4.35
CA ASP A 23 10.42 1.46 4.19
C ASP A 23 9.45 1.86 5.29
N HIS A 24 8.19 1.96 4.91
CA HIS A 24 7.14 2.42 5.82
C HIS A 24 6.00 1.43 5.71
N ILE A 25 5.46 0.97 6.85
CA ILE A 25 4.37 0.02 6.85
C ILE A 25 3.11 0.78 7.25
N VAL A 26 2.10 0.77 6.38
CA VAL A 26 0.81 1.42 6.64
CA VAL A 26 0.80 1.39 6.64
C VAL A 26 -0.28 0.36 6.47
N LYS A 27 -1.34 0.43 7.26
CA LYS A 27 -2.49 -0.40 6.97
C LYS A 27 -3.04 -0.07 5.58
N CYS A 28 -3.42 -1.13 4.86
CA CYS A 28 -4.27 -0.93 3.70
C CYS A 28 -5.65 -0.49 4.14
N PRO A 29 -6.44 0.05 3.20
CA PRO A 29 -7.88 0.22 3.49
C PRO A 29 -8.53 -1.12 3.81
N SER A 30 -9.64 -1.04 4.53
CA SER A 30 -10.52 -2.18 4.70
C SER A 30 -11.55 -2.33 3.58
N ALA A 31 -11.61 -1.38 2.65
CA ALA A 31 -12.54 -1.39 1.55
C ALA A 31 -12.25 -2.59 0.65
N ASP A 32 -13.34 -3.16 0.13
CA ASP A 32 -13.28 -4.43 -0.58
C ASP A 32 -12.29 -4.41 -1.75
N ASN A 33 -12.27 -3.30 -2.52
CA ASN A 33 -11.50 -3.22 -3.74
C ASN A 33 -10.23 -2.38 -3.57
N LYS A 34 -9.77 -2.25 -2.32
CA LYS A 34 -8.48 -1.65 -2.02
C LYS A 34 -7.66 -2.45 -1.00
N LYS A 35 -8.27 -3.35 -0.23
CA LYS A 35 -7.54 -4.14 0.76
C LYS A 35 -6.60 -5.13 0.10
N CYS A 36 -5.64 -5.64 0.89
CA CYS A 36 -4.73 -6.66 0.36
C CYS A 36 -5.41 -8.02 0.27
N LYS A 37 -5.83 -8.40 -0.94
CA LYS A 37 -6.45 -9.69 -1.18
C LYS A 37 -5.48 -10.74 -1.69
N THR A 38 -4.33 -10.33 -2.22
CA THR A 38 -3.37 -11.25 -2.81
C THR A 38 -2.04 -10.95 -2.14
N ASP A 39 -1.47 -11.93 -1.46
CA ASP A 39 -0.25 -11.68 -0.73
C ASP A 39 0.83 -11.16 -1.67
N ARG A 40 1.55 -10.12 -1.22
CA ARG A 40 2.67 -9.53 -1.96
CA ARG A 40 2.66 -9.51 -1.95
C ARG A 40 2.21 -8.72 -3.18
N HIS A 41 0.92 -8.41 -3.27
CA HIS A 41 0.47 -7.58 -4.37
C HIS A 41 1.14 -6.22 -4.25
N HIS A 42 1.37 -5.59 -5.41
CA HIS A 42 1.83 -4.22 -5.42
C HIS A 42 0.83 -3.34 -4.67
N CYS A 43 1.35 -2.37 -3.95
CA CYS A 43 0.56 -1.39 -3.27
C CYS A 43 1.25 -0.05 -3.39
N GLU A 44 0.51 1.02 -3.15
CA GLU A 44 1.02 2.39 -3.31
CA GLU A 44 1.18 2.30 -3.10
C GLU A 44 0.45 3.29 -2.21
N TYR A 45 1.30 4.15 -1.67
CA TYR A 45 0.90 5.32 -0.94
C TYR A 45 1.02 6.50 -1.88
N ASP A 46 -0.06 7.23 -2.03
CA ASP A 46 -0.13 8.38 -2.90
C ASP A 46 -0.16 9.61 -1.99
N ASP A 47 0.94 10.38 -1.97
CA ASP A 47 0.98 11.49 -1.03
CA ASP A 47 1.17 11.54 -1.14
C ASP A 47 0.41 12.77 -1.64
N HIS A 48 -0.17 12.69 -2.85
CA HIS A 48 -0.98 13.76 -3.42
C HIS A 48 -2.42 13.59 -2.94
N HIS A 49 -3.01 12.42 -3.23
CA HIS A 49 -4.35 12.07 -2.80
C HIS A 49 -4.44 11.71 -1.31
N LYS A 50 -3.30 11.40 -0.66
CA LYS A 50 -3.27 10.96 0.73
CA LYS A 50 -3.28 10.97 0.73
C LYS A 50 -4.05 9.66 0.89
N THR A 51 -3.70 8.66 0.06
CA THR A 51 -4.40 7.38 0.00
C THR A 51 -3.42 6.24 -0.06
N VAL A 52 -3.92 5.08 0.35
CA VAL A 52 -3.26 3.81 0.18
C VAL A 52 -4.17 2.92 -0.66
N ASP A 53 -3.58 2.12 -1.55
CA ASP A 53 -4.34 1.13 -2.28
C ASP A 53 -3.48 -0.12 -2.39
N CYS A 54 -4.00 -1.26 -1.98
CA CYS A 54 -3.32 -2.54 -2.02
C CYS A 54 -3.83 -3.44 -3.13
N GLN A 55 -4.60 -2.85 -4.04
CA GLN A 55 -5.05 -3.46 -5.30
C GLN A 55 -4.78 -2.46 -6.43
N THR A 56 -3.52 -2.05 -6.55
CA THR A 56 -3.18 -1.14 -7.62
C THR A 56 -3.42 -1.77 -8.99
N PRO A 57 -3.79 -1.00 -10.01
CA PRO A 57 -4.03 -1.54 -11.35
C PRO A 57 -2.73 -1.92 -12.03
CL CL B . 17.02 7.68 9.30
CL CL C . 14.18 1.56 6.56
CL CL D . -5.83 -8.52 -5.58
#